data_3L6E
#
_entry.id   3L6E
#
_cell.length_a   127.363
_cell.length_b   53.005
_cell.length_c   67.019
_cell.angle_alpha   90.00
_cell.angle_beta   90.00
_cell.angle_gamma   90.00
#
_symmetry.space_group_name_H-M   'P 21 21 2'
#
loop_
_entity.id
_entity.type
_entity.pdbx_description
1 polymer 'Oxidoreductase, short-chain dehydrogenase/reductase family'
2 non-polymer 'SULFATE ION'
3 water water
#
_entity_poly.entity_id   1
_entity_poly.type   'polypeptide(L)'
_entity_poly.pdbx_seq_one_letter_code
;(MSE)SLGHIIVTGAGSGLGRALTIGLVERGHQVS(MSE)(MSE)GRRYQRLQQQELLLGNAVIGIVADLAHHEDVDVAF
AAAVEWGGLPELVLHCAGTGEFGPVGVYTAEQIRRV(MSE)ESNLVSTILVAQQTVRLIGERGGVLANVLSSAAQVGKAN
ESLYCASKWG(MSE)RGFLESLRAELKDSPLRLVNLYPSGIRSEFWDNTDHVDPSGF(MSE)TPEDAAAY(MSE)LDALE
ARSSCHVTDLFIGRNEGHHHHHH
;
_entity_poly.pdbx_strand_id   A,B
#
# COMPACT_ATOMS: atom_id res chain seq x y z
N LEU A 3 11.18 -21.63 9.35
CA LEU A 3 11.25 -21.20 10.78
C LEU A 3 10.14 -20.20 11.15
N GLY A 4 9.89 -19.22 10.28
CA GLY A 4 8.83 -18.23 10.50
C GLY A 4 7.45 -18.82 10.29
N HIS A 5 6.64 -18.83 11.34
CA HIS A 5 5.29 -19.37 11.26
C HIS A 5 4.22 -18.35 10.86
N ILE A 6 3.50 -18.67 9.79
CA ILE A 6 2.40 -17.85 9.30
C ILE A 6 1.11 -18.66 9.28
N ILE A 7 0.02 -18.02 9.68
CA ILE A 7 -1.29 -18.62 9.57
C ILE A 7 -2.01 -17.91 8.43
N VAL A 8 -2.60 -18.68 7.53
CA VAL A 8 -3.37 -18.13 6.45
C VAL A 8 -4.74 -18.75 6.40
N THR A 9 -5.77 -17.93 6.54
CA THR A 9 -7.13 -18.43 6.43
C THR A 9 -7.61 -18.30 5.00
N GLY A 10 -8.70 -18.98 4.68
CA GLY A 10 -9.21 -19.01 3.33
C GLY A 10 -8.12 -19.44 2.40
N ALA A 11 -7.40 -20.47 2.83
CA ALA A 11 -6.18 -20.89 2.12
C ALA A 11 -6.48 -21.61 0.81
N GLY A 12 -7.71 -22.08 0.68
CA GLY A 12 -8.20 -22.71 -0.56
C GLY A 12 -8.64 -21.75 -1.64
N SER A 13 -8.77 -20.45 -1.33
CA SER A 13 -9.10 -19.43 -2.35
C SER A 13 -7.91 -19.20 -3.30
N GLY A 14 -8.18 -18.69 -4.49
CA GLY A 14 -7.13 -18.42 -5.48
C GLY A 14 -6.10 -17.51 -4.83
N LEU A 15 -6.62 -16.54 -4.09
CA LEU A 15 -5.85 -15.57 -3.31
C LEU A 15 -5.07 -16.22 -2.17
N GLY A 16 -5.76 -16.98 -1.34
CA GLY A 16 -5.09 -17.70 -0.24
C GLY A 16 -4.04 -18.70 -0.69
N ARG A 17 -4.30 -19.39 -1.81
CA ARG A 17 -3.34 -20.27 -2.48
C ARG A 17 -2.09 -19.48 -2.84
N ALA A 18 -2.27 -18.38 -3.58
CA ALA A 18 -1.12 -17.60 -4.05
C ALA A 18 -0.28 -17.04 -2.90
N LEU A 19 -0.96 -16.55 -1.87
CA LEU A 19 -0.29 -16.03 -0.70
C LEU A 19 0.48 -17.13 0.02
N THR A 20 -0.12 -18.33 0.13
CA THR A 20 0.52 -19.45 0.81
C THR A 20 1.78 -19.84 0.06
N ILE A 21 1.65 -20.01 -1.26
CA ILE A 21 2.77 -20.34 -2.12
C ILE A 21 3.91 -19.33 -1.97
N GLY A 22 3.57 -18.04 -1.96
CA GLY A 22 4.54 -16.96 -1.93
C GLY A 22 5.36 -16.90 -0.66
N LEU A 23 4.68 -17.10 0.48
CA LEU A 23 5.32 -17.14 1.80
C LEU A 23 6.21 -18.37 1.94
N VAL A 24 5.81 -19.48 1.31
CA VAL A 24 6.65 -20.68 1.31
C VAL A 24 7.94 -20.43 0.53
N GLU A 25 7.80 -19.87 -0.66
CA GLU A 25 8.94 -19.50 -1.51
C GLU A 25 9.88 -18.51 -0.80
N ARG A 26 9.32 -17.66 0.08
CA ARG A 26 10.13 -16.75 0.87
C ARG A 26 10.64 -17.39 2.19
N GLY A 27 10.53 -18.71 2.28
CA GLY A 27 11.08 -19.48 3.40
C GLY A 27 10.26 -19.67 4.67
N HIS A 28 8.95 -19.37 4.62
CA HIS A 28 8.09 -19.48 5.82
C HIS A 28 7.39 -20.84 5.91
N GLN A 29 6.97 -21.22 7.12
CA GLN A 29 6.06 -22.35 7.31
C GLN A 29 4.65 -21.82 7.41
N VAL A 30 3.68 -22.54 6.87
CA VAL A 30 2.35 -21.96 6.78
C VAL A 30 1.27 -22.91 7.28
N SER A 31 0.51 -22.47 8.29
CA SER A 31 -0.66 -23.23 8.70
C SER A 31 -1.85 -22.76 7.86
N GLY A 34 -8.85 -23.58 6.02
CA GLY A 34 -9.87 -23.50 4.99
C GLY A 34 -11.06 -24.42 5.22
N ARG A 35 -12.17 -24.06 4.60
CA ARG A 35 -13.42 -24.84 4.69
C ARG A 35 -13.41 -26.06 3.77
N ARG A 36 -12.59 -26.01 2.73
CA ARG A 36 -12.63 -27.00 1.64
C ARG A 36 -11.41 -27.89 1.64
N TYR A 37 -11.59 -29.10 2.16
CA TYR A 37 -10.48 -30.02 2.42
C TYR A 37 -9.70 -30.45 1.16
N GLN A 38 -10.42 -30.60 0.04
CA GLN A 38 -9.81 -31.05 -1.23
C GLN A 38 -8.71 -30.11 -1.69
N ARG A 39 -8.97 -28.82 -1.52
CA ARG A 39 -8.02 -27.75 -1.83
C ARG A 39 -6.86 -27.66 -0.83
N LEU A 40 -7.12 -27.94 0.43
CA LEU A 40 -6.04 -28.03 1.40
C LEU A 40 -5.07 -29.18 1.09
N GLN A 41 -5.61 -30.35 0.68
CA GLN A 41 -4.79 -31.51 0.34
C GLN A 41 -3.94 -31.29 -0.91
N GLN A 42 -4.55 -30.63 -1.92
CA GLN A 42 -3.86 -30.34 -3.18
C GLN A 42 -2.67 -29.43 -2.89
N GLN A 43 -2.82 -28.55 -1.90
CA GLN A 43 -1.75 -27.66 -1.49
C GLN A 43 -0.68 -28.40 -0.68
N GLU A 44 -1.10 -29.37 0.13
CA GLU A 44 -0.17 -30.21 0.89
C GLU A 44 0.69 -31.06 -0.06
N LEU A 45 0.06 -31.59 -1.11
CA LEU A 45 0.72 -32.36 -2.19
C LEU A 45 1.73 -31.50 -2.94
N LEU A 46 1.40 -30.23 -3.15
CA LEU A 46 2.29 -29.32 -3.84
C LEU A 46 3.46 -28.85 -2.98
N LEU A 47 3.21 -28.55 -1.70
CA LEU A 47 4.20 -27.84 -0.88
C LEU A 47 4.80 -28.66 0.26
N GLY A 48 4.19 -29.83 0.51
CA GLY A 48 4.75 -30.83 1.43
C GLY A 48 4.86 -30.37 2.87
N ASN A 49 6.06 -30.54 3.44
CA ASN A 49 6.30 -30.31 4.87
C ASN A 49 6.41 -28.84 5.27
N ALA A 50 6.30 -27.96 4.28
CA ALA A 50 6.29 -26.53 4.49
C ALA A 50 4.94 -26.03 5.04
N VAL A 51 3.90 -26.86 4.94
CA VAL A 51 2.54 -26.46 5.31
C VAL A 51 1.78 -27.58 5.99
N ILE A 52 0.70 -27.21 6.67
CA ILE A 52 -0.35 -28.15 7.04
C ILE A 52 -1.71 -27.58 6.69
N GLY A 53 -2.62 -28.46 6.30
CA GLY A 53 -4.02 -28.12 6.13
C GLY A 53 -4.78 -28.40 7.40
N ILE A 54 -5.32 -27.34 8.00
CA ILE A 54 -6.26 -27.45 9.09
C ILE A 54 -7.63 -27.13 8.50
N VAL A 55 -8.53 -28.11 8.51
CA VAL A 55 -9.89 -27.84 8.05
C VAL A 55 -10.61 -27.20 9.23
N ALA A 56 -11.31 -26.09 8.94
CA ALA A 56 -12.05 -25.33 9.94
C ALA A 56 -13.11 -24.48 9.25
N ASP A 57 -14.26 -24.35 9.91
CA ASP A 57 -15.25 -23.36 9.50
C ASP A 57 -15.14 -22.21 10.49
N LEU A 58 -14.58 -21.09 10.04
CA LEU A 58 -14.17 -20.01 10.92
C LEU A 58 -15.30 -19.13 11.47
N ALA A 59 -16.54 -19.60 11.34
CA ALA A 59 -17.69 -18.83 11.80
C ALA A 59 -18.29 -19.32 13.13
N HIS A 60 -17.57 -20.21 13.83
CA HIS A 60 -18.02 -20.67 15.16
C HIS A 60 -16.88 -20.69 16.18
N HIS A 61 -17.13 -20.06 17.33
CA HIS A 61 -16.11 -19.77 18.36
C HIS A 61 -15.30 -21.00 18.78
N GLU A 62 -15.96 -22.14 18.93
CA GLU A 62 -15.26 -23.37 19.26
C GLU A 62 -14.36 -23.84 18.10
N ASP A 63 -14.91 -23.83 16.89
CA ASP A 63 -14.19 -24.23 15.68
C ASP A 63 -12.91 -23.42 15.45
N VAL A 64 -12.94 -22.15 15.82
CA VAL A 64 -11.77 -21.26 15.72
C VAL A 64 -10.72 -21.63 16.75
N ASP A 65 -11.17 -21.90 17.98
CA ASP A 65 -10.33 -22.34 19.09
C ASP A 65 -9.53 -23.59 18.73
N VAL A 66 -10.23 -24.57 18.14
CA VAL A 66 -9.65 -25.87 17.79
C VAL A 66 -8.62 -25.72 16.68
N ALA A 67 -8.98 -24.97 15.64
CA ALA A 67 -8.12 -24.79 14.47
C ALA A 67 -6.82 -24.07 14.82
N PHE A 68 -6.90 -23.08 15.71
CA PHE A 68 -5.72 -22.32 16.10
C PHE A 68 -4.80 -23.14 17.02
N ALA A 69 -5.41 -24.01 17.84
CA ALA A 69 -4.68 -24.91 18.73
C ALA A 69 -3.81 -25.91 17.97
N ALA A 70 -4.32 -26.42 16.85
CA ALA A 70 -3.54 -27.29 15.98
C ALA A 70 -2.42 -26.53 15.27
N ALA A 71 -2.73 -25.32 14.81
CA ALA A 71 -1.73 -24.46 14.16
C ALA A 71 -0.53 -24.16 15.06
N VAL A 72 -0.80 -23.63 16.24
CA VAL A 72 0.23 -23.42 17.25
C VAL A 72 0.93 -24.74 17.60
N GLU A 73 0.16 -25.82 17.70
CA GLU A 73 0.72 -27.15 17.95
C GLU A 73 1.82 -27.50 16.94
N TRP A 74 1.55 -27.20 15.66
CA TRP A 74 2.43 -27.61 14.57
C TRP A 74 3.55 -26.60 14.25
N GLY A 75 3.27 -25.31 14.39
CA GLY A 75 4.26 -24.31 14.06
C GLY A 75 4.67 -23.35 15.15
N GLY A 76 4.15 -23.54 16.36
CA GLY A 76 4.39 -22.59 17.43
C GLY A 76 3.61 -21.31 17.17
N LEU A 77 3.79 -20.32 18.04
CA LEU A 77 3.07 -19.06 17.91
C LEU A 77 3.41 -18.41 16.58
N PRO A 78 2.40 -17.81 15.91
CA PRO A 78 2.61 -17.20 14.61
C PRO A 78 3.16 -15.78 14.69
N GLU A 79 3.96 -15.40 13.69
CA GLU A 79 4.35 -14.01 13.46
C GLU A 79 3.27 -13.24 12.66
N LEU A 80 2.56 -13.94 11.78
CA LEU A 80 1.58 -13.29 10.93
C LEU A 80 0.33 -14.14 10.80
N VAL A 81 -0.81 -13.50 11.07
CA VAL A 81 -2.11 -14.08 10.78
C VAL A 81 -2.68 -13.32 9.59
N LEU A 82 -2.83 -14.05 8.50
CA LEU A 82 -3.30 -13.50 7.26
C LEU A 82 -4.72 -13.97 7.09
N HIS A 83 -5.66 -13.07 7.31
CA HIS A 83 -7.04 -13.46 7.21
C HIS A 83 -7.61 -13.11 5.84
N CYS A 84 -7.98 -14.15 5.10
CA CYS A 84 -8.62 -14.01 3.81
C CYS A 84 -10.09 -14.32 3.93
N ALA A 85 -10.90 -13.32 4.29
CA ALA A 85 -12.35 -13.52 4.41
C ALA A 85 -12.95 -13.97 3.09
N GLY A 86 -12.28 -13.64 1.98
CA GLY A 86 -12.75 -14.03 0.65
C GLY A 86 -13.91 -13.13 0.27
N THR A 87 -15.00 -13.73 -0.21
CA THR A 87 -16.23 -12.98 -0.55
C THR A 87 -17.48 -13.89 -0.64
N GLY A 88 -18.08 -13.97 -1.82
CA GLY A 88 -19.28 -14.77 -2.04
C GLY A 88 -19.69 -14.88 -3.50
N VAL A 95 -33.10 -8.12 -4.77
CA VAL A 95 -33.61 -9.48 -4.90
C VAL A 95 -32.96 -10.39 -3.85
N TYR A 96 -32.44 -9.77 -2.79
CA TYR A 96 -31.77 -10.48 -1.70
C TYR A 96 -32.79 -10.96 -0.68
N THR A 97 -32.53 -12.13 -0.10
CA THR A 97 -33.35 -12.66 0.99
C THR A 97 -32.55 -12.68 2.28
N ALA A 98 -33.24 -12.83 3.41
CA ALA A 98 -32.60 -12.94 4.72
C ALA A 98 -31.59 -14.08 4.75
N GLU A 99 -32.01 -15.24 4.26
CA GLU A 99 -31.19 -16.46 4.25
C GLU A 99 -29.95 -16.31 3.38
N GLN A 100 -30.08 -15.51 2.31
CA GLN A 100 -28.97 -15.17 1.44
C GLN A 100 -27.97 -14.26 2.17
N ILE A 101 -28.52 -13.36 3.00
CA ILE A 101 -27.72 -12.35 3.71
C ILE A 101 -26.96 -12.92 4.91
N ARG A 102 -27.65 -13.66 5.78
CA ARG A 102 -27.01 -14.21 6.99
C ARG A 102 -25.74 -14.96 6.64
N ARG A 103 -25.85 -15.90 5.70
CA ARG A 103 -24.73 -16.76 5.31
C ARG A 103 -23.48 -15.95 4.94
N VAL A 104 -23.64 -15.01 4.01
CA VAL A 104 -22.57 -14.13 3.50
C VAL A 104 -21.84 -13.41 4.62
N GLU A 106 -21.97 -13.84 7.91
CA GLU A 106 -21.45 -14.69 8.98
C GLU A 106 -20.15 -15.36 8.56
N SER A 107 -20.02 -15.70 7.29
CA SER A 107 -18.75 -16.20 6.82
C SER A 107 -17.73 -15.06 6.76
N ASN A 108 -18.23 -13.84 6.68
CA ASN A 108 -17.34 -12.73 6.52
C ASN A 108 -17.05 -11.88 7.71
N LEU A 109 -18.06 -11.41 8.40
CA LEU A 109 -17.78 -10.57 9.50
C LEU A 109 -17.47 -11.35 10.73
N VAL A 110 -18.20 -12.39 10.96
CA VAL A 110 -18.05 -13.28 12.11
C VAL A 110 -16.68 -13.95 12.09
N SER A 111 -16.29 -14.47 10.93
CA SER A 111 -14.97 -15.11 10.83
C SER A 111 -13.93 -14.04 11.09
N THR A 112 -14.15 -12.85 10.54
CA THR A 112 -13.17 -11.77 10.71
C THR A 112 -12.98 -11.42 12.18
N ILE A 113 -14.09 -11.31 12.90
CA ILE A 113 -14.08 -10.96 14.33
C ILE A 113 -13.44 -12.04 15.21
N LEU A 114 -13.78 -13.30 14.94
CA LEU A 114 -13.28 -14.43 15.72
C LEU A 114 -11.78 -14.69 15.48
N VAL A 115 -11.34 -14.57 14.25
CA VAL A 115 -9.91 -14.70 13.96
C VAL A 115 -9.13 -13.59 14.66
N ALA A 116 -9.68 -12.38 14.62
CA ALA A 116 -9.02 -11.22 15.20
C ALA A 116 -8.88 -11.39 16.73
N GLN A 117 -9.96 -11.81 17.39
CA GLN A 117 -9.97 -11.98 18.85
C GLN A 117 -9.07 -13.10 19.27
N GLN A 118 -9.09 -14.19 18.51
CA GLN A 118 -8.18 -15.31 18.73
C GLN A 118 -6.71 -14.85 18.57
N THR A 119 -6.44 -13.95 17.62
CA THR A 119 -5.09 -13.39 17.39
C THR A 119 -4.63 -12.45 18.52
N VAL A 120 -5.55 -11.63 19.01
CA VAL A 120 -5.26 -10.75 20.14
C VAL A 120 -4.88 -11.63 21.35
N ARG A 121 -5.71 -12.62 21.61
CA ARG A 121 -5.47 -13.57 22.69
C ARG A 121 -4.09 -14.23 22.56
N LEU A 122 -3.80 -14.77 21.38
CA LEU A 122 -2.56 -15.53 21.15
C LEU A 122 -1.29 -14.70 21.15
N ILE A 123 -1.29 -13.59 20.41
CA ILE A 123 -0.08 -12.82 20.19
C ILE A 123 -0.22 -11.32 20.50
N GLY A 124 -1.26 -10.95 21.22
CA GLY A 124 -1.46 -9.55 21.61
C GLY A 124 -0.34 -8.99 22.48
N GLU A 125 0.21 -9.82 23.36
CA GLU A 125 1.31 -9.36 24.22
C GLU A 125 2.68 -9.54 23.59
N ARG A 126 2.86 -10.64 22.86
CA ARG A 126 4.13 -10.95 22.24
C ARG A 126 4.42 -10.07 21.02
N GLY A 127 3.37 -9.64 20.33
CA GLY A 127 3.54 -8.83 19.13
C GLY A 127 3.46 -9.68 17.89
N GLY A 128 3.50 -9.01 16.74
CA GLY A 128 3.29 -9.67 15.44
C GLY A 128 2.30 -8.92 14.58
N VAL A 129 1.80 -9.60 13.54
CA VAL A 129 0.96 -8.96 12.52
C VAL A 129 -0.39 -9.68 12.29
N LEU A 130 -1.47 -8.90 12.33
CA LEU A 130 -2.81 -9.35 11.94
C LEU A 130 -3.18 -8.65 10.64
N ALA A 131 -3.14 -9.41 9.57
CA ALA A 131 -3.37 -8.85 8.25
C ALA A 131 -4.69 -9.38 7.77
N ASN A 132 -5.56 -8.45 7.35
CA ASN A 132 -6.87 -8.81 6.87
C ASN A 132 -7.02 -8.44 5.39
N VAL A 133 -7.59 -9.37 4.63
CA VAL A 133 -7.87 -9.15 3.21
C VAL A 133 -9.36 -8.81 3.06
N LEU A 134 -9.64 -7.58 2.63
CA LEU A 134 -10.98 -7.17 2.30
C LEU A 134 -11.12 -7.16 0.75
N SER A 135 -11.16 -8.35 0.15
CA SER A 135 -11.10 -8.48 -1.31
C SER A 135 -12.40 -8.07 -2.00
N SER A 136 -12.29 -7.66 -3.26
CA SER A 136 -13.41 -7.07 -3.98
C SER A 136 -13.54 -7.70 -5.36
N ALA A 137 -14.32 -8.77 -5.44
CA ALA A 137 -14.54 -9.56 -6.66
C ALA A 137 -15.04 -8.74 -7.84
N ALA A 138 -14.36 -8.90 -8.98
CA ALA A 138 -14.73 -8.20 -10.22
C ALA A 138 -16.09 -8.63 -10.79
N GLN A 139 -17.10 -7.77 -10.60
CA GLN A 139 -18.41 -7.96 -11.19
C GLN A 139 -18.47 -7.27 -12.56
N VAL A 140 -19.19 -7.90 -13.49
CA VAL A 140 -19.39 -7.33 -14.82
C VAL A 140 -20.79 -6.73 -14.95
N GLY A 141 -21.01 -5.60 -14.29
CA GLY A 141 -22.31 -4.93 -14.27
C GLY A 141 -22.74 -4.42 -12.91
N LYS A 142 -22.06 -4.88 -11.86
CA LYS A 142 -22.31 -4.50 -10.46
C LYS A 142 -23.72 -4.90 -9.96
N ALA A 143 -24.03 -6.19 -10.07
CA ALA A 143 -25.36 -6.72 -9.76
C ALA A 143 -25.70 -6.80 -8.26
N ASN A 144 -24.84 -7.46 -7.48
CA ASN A 144 -25.06 -7.66 -6.04
C ASN A 144 -24.25 -6.69 -5.18
N GLU A 145 -23.97 -5.51 -5.73
CA GLU A 145 -22.95 -4.62 -5.16
C GLU A 145 -23.16 -4.16 -3.71
N SER A 146 -24.39 -3.80 -3.36
CA SER A 146 -24.67 -3.19 -2.06
C SER A 146 -24.46 -4.13 -0.87
N LEU A 147 -24.64 -5.44 -1.10
CA LEU A 147 -24.39 -6.41 -0.03
C LEU A 147 -22.89 -6.59 0.19
N TYR A 148 -22.10 -6.54 -0.89
CA TYR A 148 -20.64 -6.61 -0.78
C TYR A 148 -20.12 -5.39 -0.04
N CYS A 149 -20.69 -4.23 -0.33
CA CYS A 149 -20.30 -3.00 0.36
C CYS A 149 -20.63 -3.09 1.83
N ALA A 150 -21.87 -3.48 2.14
CA ALA A 150 -22.23 -3.76 3.53
C ALA A 150 -21.15 -4.63 4.17
N SER A 151 -20.86 -5.77 3.54
CA SER A 151 -19.92 -6.74 4.08
C SER A 151 -18.54 -6.15 4.37
N LYS A 152 -17.92 -5.55 3.36
CA LYS A 152 -16.58 -5.00 3.51
C LYS A 152 -16.51 -3.79 4.45
N TRP A 153 -17.47 -2.87 4.35
CA TRP A 153 -17.51 -1.73 5.29
C TRP A 153 -17.64 -2.13 6.77
N GLY A 154 -18.56 -3.06 7.06
CA GLY A 154 -18.62 -3.66 8.40
C GLY A 154 -17.29 -4.20 8.92
N ARG A 156 -14.18 -3.41 7.86
CA ARG A 156 -13.33 -2.25 8.04
C ARG A 156 -13.68 -1.49 9.31
N GLY A 157 -14.99 -1.33 9.56
CA GLY A 157 -15.44 -0.64 10.77
C GLY A 157 -14.84 -1.33 11.99
N PHE A 158 -15.08 -2.64 12.09
CA PHE A 158 -14.56 -3.46 13.18
C PHE A 158 -13.04 -3.33 13.34
N LEU A 159 -12.31 -3.52 12.25
CA LEU A 159 -10.84 -3.61 12.32
C LEU A 159 -10.13 -2.30 12.64
N GLU A 160 -10.58 -1.20 12.07
CA GLU A 160 -9.99 0.12 12.34
C GLU A 160 -10.33 0.58 13.75
N SER A 161 -11.46 0.10 14.27
CA SER A 161 -11.85 0.32 15.64
C SER A 161 -11.02 -0.57 16.57
N LEU A 162 -10.70 -1.78 16.11
CA LEU A 162 -9.84 -2.67 16.88
C LEU A 162 -8.41 -2.16 16.89
N ARG A 163 -7.94 -1.65 15.74
CA ARG A 163 -6.56 -1.15 15.66
C ARG A 163 -6.31 0.08 16.51
N ALA A 164 -7.29 1.00 16.56
CA ALA A 164 -7.19 2.18 17.42
C ALA A 164 -7.19 1.80 18.91
N GLU A 165 -7.87 0.69 19.22
CA GLU A 165 -7.89 0.11 20.55
C GLU A 165 -6.56 -0.55 20.88
N LEU A 166 -5.91 -1.11 19.86
CA LEU A 166 -4.61 -1.78 20.03
C LEU A 166 -3.41 -0.85 19.78
N LYS A 167 -3.65 0.46 19.71
CA LYS A 167 -2.57 1.44 19.75
C LYS A 167 -1.62 1.09 20.90
N ASP A 168 -0.32 1.20 20.66
CA ASP A 168 0.71 1.00 21.70
C ASP A 168 0.89 -0.46 22.11
N SER A 169 0.18 -1.36 21.46
CA SER A 169 0.31 -2.79 21.71
C SER A 169 1.15 -3.38 20.58
N PRO A 170 2.06 -4.31 20.91
CA PRO A 170 2.98 -4.83 19.90
C PRO A 170 2.30 -5.52 18.71
N LEU A 171 0.99 -5.71 18.78
CA LEU A 171 0.28 -6.35 17.68
C LEU A 171 -0.16 -5.31 16.64
N ARG A 172 0.26 -5.51 15.40
CA ARG A 172 0.02 -4.53 14.34
C ARG A 172 -1.13 -4.97 13.45
N LEU A 173 -2.05 -4.06 13.13
CA LEU A 173 -3.13 -4.37 12.19
C LEU A 173 -2.84 -3.76 10.83
N VAL A 174 -2.86 -4.65 9.83
CA VAL A 174 -2.62 -4.30 8.44
C VAL A 174 -3.86 -4.72 7.62
N ASN A 175 -4.41 -3.77 6.88
CA ASN A 175 -5.60 -4.02 6.08
C ASN A 175 -5.27 -3.94 4.58
N LEU A 176 -5.58 -4.99 3.83
CA LEU A 176 -5.18 -5.08 2.43
C LEU A 176 -6.41 -5.16 1.53
N TYR A 177 -6.43 -4.35 0.46
CA TYR A 177 -7.60 -4.19 -0.40
C TYR A 177 -7.31 -4.47 -1.89
N PRO A 178 -7.32 -5.74 -2.28
CA PRO A 178 -7.26 -6.07 -3.70
C PRO A 178 -8.63 -5.89 -4.32
N SER A 179 -8.81 -4.86 -5.15
CA SER A 179 -10.07 -4.64 -5.85
C SER A 179 -10.01 -5.12 -7.29
N GLY A 180 -10.76 -6.17 -7.59
CA GLY A 180 -10.90 -6.63 -8.97
C GLY A 180 -10.37 -8.04 -9.19
N ILE A 181 -10.51 -8.88 -8.18
CA ILE A 181 -10.12 -10.26 -8.28
C ILE A 181 -11.24 -11.09 -8.97
N ARG A 182 -10.87 -12.20 -9.61
CA ARG A 182 -11.81 -12.97 -10.45
C ARG A 182 -12.73 -13.94 -9.70
N SER A 183 -13.89 -14.26 -10.31
CA SER A 183 -14.79 -15.35 -9.88
C SER A 183 -15.97 -15.52 -10.83
N GLU A 184 -16.44 -16.76 -10.99
CA GLU A 184 -17.60 -17.16 -11.83
C GLU A 184 -17.29 -17.39 -13.33
N PHE A 185 -16.09 -16.99 -13.78
CA PHE A 185 -15.59 -17.36 -15.12
C PHE A 185 -14.08 -17.18 -15.28
N PHE A 197 -10.03 -9.20 -13.52
CA PHE A 197 -8.83 -9.39 -14.35
C PHE A 197 -7.53 -9.36 -13.52
N THR A 199 -4.90 -10.95 -11.27
CA THR A 199 -4.52 -12.33 -10.94
C THR A 199 -4.15 -12.44 -9.46
N PRO A 200 -4.41 -13.58 -8.83
CA PRO A 200 -3.95 -13.83 -7.45
C PRO A 200 -2.43 -13.63 -7.26
N GLU A 201 -1.66 -14.12 -8.22
CA GLU A 201 -0.21 -14.09 -8.16
C GLU A 201 0.33 -12.68 -7.99
N ASP A 202 -0.12 -11.77 -8.85
CA ASP A 202 0.26 -10.37 -8.80
C ASP A 202 -0.26 -9.69 -7.51
N ALA A 203 -1.52 -9.97 -7.16
CA ALA A 203 -2.10 -9.42 -5.93
C ALA A 203 -1.19 -9.83 -4.74
N ALA A 204 -1.03 -11.13 -4.56
CA ALA A 204 -0.15 -11.68 -3.51
C ALA A 204 1.23 -11.03 -3.40
N ALA A 205 1.85 -10.81 -4.56
CA ALA A 205 3.21 -10.29 -4.63
C ALA A 205 3.33 -8.88 -4.07
N TYR A 206 2.36 -8.02 -4.42
CA TYR A 206 2.26 -6.70 -3.79
C TYR A 206 2.05 -6.80 -2.29
N LEU A 208 2.62 -9.38 -0.14
CA LEU A 208 3.75 -9.95 0.59
C LEU A 208 4.95 -9.01 0.64
N ASP A 209 5.18 -8.24 -0.42
CA ASP A 209 6.19 -7.19 -0.34
C ASP A 209 5.77 -6.18 0.72
N ALA A 210 4.50 -5.82 0.73
CA ALA A 210 4.02 -4.84 1.69
C ALA A 210 4.16 -5.39 3.12
N LEU A 211 4.02 -6.70 3.30
CA LEU A 211 4.09 -7.27 4.65
C LEU A 211 5.51 -7.57 5.15
N GLU A 212 6.52 -7.23 4.35
CA GLU A 212 7.92 -7.41 4.76
C GLU A 212 8.26 -6.53 5.97
N ALA A 213 8.95 -7.10 6.95
CA ALA A 213 9.38 -6.34 8.13
C ALA A 213 10.51 -5.37 7.80
N ARG A 214 10.43 -4.15 8.33
CA ARG A 214 11.52 -3.17 8.26
C ARG A 214 11.64 -2.52 9.64
N SER A 215 12.78 -1.91 9.94
CA SER A 215 13.06 -1.50 11.33
C SER A 215 12.18 -0.35 11.82
N SER A 216 12.04 0.68 10.99
CA SER A 216 11.46 1.96 11.41
C SER A 216 9.98 2.17 11.03
N CYS A 217 9.41 1.25 10.26
CA CYS A 217 8.04 1.39 9.79
C CYS A 217 7.48 0.11 9.22
N HIS A 218 6.15 0.11 9.07
CA HIS A 218 5.45 -0.95 8.35
C HIS A 218 4.31 -0.35 7.55
N VAL A 219 3.77 -1.12 6.62
CA VAL A 219 2.60 -0.72 5.84
C VAL A 219 1.36 -0.99 6.69
N THR A 220 0.47 -0.01 6.82
CA THR A 220 -0.74 -0.18 7.60
C THR A 220 -1.95 -0.52 6.71
N ASP A 221 -1.93 -0.02 5.47
CA ASP A 221 -3.05 -0.20 4.53
C ASP A 221 -2.54 -0.26 3.11
N LEU A 222 -3.05 -1.21 2.34
CA LEU A 222 -2.62 -1.39 0.96
C LEU A 222 -3.82 -1.55 0.02
N PHE A 223 -3.96 -0.65 -0.96
CA PHE A 223 -5.06 -0.70 -1.90
C PHE A 223 -4.51 -1.07 -3.28
N ILE A 224 -4.98 -2.17 -3.84
CA ILE A 224 -4.57 -2.60 -5.18
C ILE A 224 -5.76 -2.53 -6.12
N GLY A 225 -5.57 -1.92 -7.30
CA GLY A 225 -6.65 -1.85 -8.31
C GLY A 225 -6.25 -2.48 -9.63
N ARG A 226 -7.26 -2.87 -10.42
CA ARG A 226 -7.05 -3.40 -11.78
C ARG A 226 -6.34 -2.43 -12.71
N ASN A 227 -5.58 -2.98 -13.66
CA ASN A 227 -4.98 -2.16 -14.70
C ASN A 227 -6.00 -1.78 -15.79
N GLU A 228 -5.73 -0.68 -16.48
CA GLU A 228 -6.56 -0.24 -17.61
C GLU A 228 -6.32 -1.17 -18.80
N GLY A 229 -7.35 -1.30 -19.65
CA GLY A 229 -7.30 -2.19 -20.81
C GLY A 229 -6.35 -1.71 -21.89
N LEU B 3 14.83 -0.64 -16.78
CA LEU B 3 13.51 0.02 -17.04
C LEU B 3 13.66 1.52 -17.32
N GLY B 4 12.56 2.26 -17.31
CA GLY B 4 12.52 3.58 -17.92
C GLY B 4 12.84 4.81 -17.10
N HIS B 5 12.71 5.96 -17.76
CA HIS B 5 13.02 7.28 -17.23
C HIS B 5 11.98 7.70 -16.17
N ILE B 6 12.47 8.13 -15.01
CA ILE B 6 11.60 8.59 -13.94
C ILE B 6 11.89 10.04 -13.59
N ILE B 7 10.85 10.77 -13.22
CA ILE B 7 11.02 12.10 -12.69
C ILE B 7 10.74 12.10 -11.17
N VAL B 8 11.71 12.58 -10.40
CA VAL B 8 11.54 12.76 -8.97
C VAL B 8 11.61 14.23 -8.58
N THR B 9 10.53 14.70 -7.96
CA THR B 9 10.43 16.04 -7.38
C THR B 9 10.83 15.98 -5.90
N GLY B 10 11.26 17.12 -5.37
CA GLY B 10 11.77 17.18 -4.01
C GLY B 10 12.94 16.23 -3.84
N ALA B 11 13.79 16.15 -4.85
CA ALA B 11 14.79 15.09 -4.96
C ALA B 11 15.94 15.18 -3.96
N GLY B 12 16.13 16.34 -3.34
CA GLY B 12 17.16 16.57 -2.33
C GLY B 12 16.75 16.39 -0.87
N SER B 13 15.45 16.31 -0.60
CA SER B 13 14.95 15.96 0.73
C SER B 13 15.44 14.55 1.07
N GLY B 14 15.42 14.16 2.34
CA GLY B 14 15.80 12.79 2.72
C GLY B 14 15.07 11.74 1.87
N LEU B 15 13.76 11.86 1.80
CA LEU B 15 12.93 10.92 1.10
C LEU B 15 13.18 10.94 -0.41
N GLY B 16 13.15 12.13 -1.00
CA GLY B 16 13.42 12.29 -2.43
C GLY B 16 14.75 11.67 -2.79
N ARG B 17 15.76 11.90 -1.95
CA ARG B 17 17.08 11.35 -2.20
C ARG B 17 17.08 9.83 -2.14
N ALA B 18 16.52 9.27 -1.06
CA ALA B 18 16.38 7.80 -0.93
C ALA B 18 15.61 7.19 -2.11
N LEU B 19 14.57 7.89 -2.57
CA LEU B 19 13.74 7.40 -3.67
C LEU B 19 14.55 7.33 -4.94
N THR B 20 15.32 8.40 -5.21
CA THR B 20 16.28 8.47 -6.31
C THR B 20 17.34 7.37 -6.27
N ILE B 21 18.03 7.23 -5.15
CA ILE B 21 19.07 6.23 -4.99
C ILE B 21 18.49 4.84 -5.29
N GLY B 22 17.35 4.54 -4.67
CA GLY B 22 16.62 3.30 -4.90
C GLY B 22 16.27 3.01 -6.34
N LEU B 23 15.87 4.04 -7.08
CA LEU B 23 15.49 3.93 -8.49
C LEU B 23 16.71 3.69 -9.38
N VAL B 24 17.77 4.46 -9.15
CA VAL B 24 19.03 4.31 -9.89
C VAL B 24 19.60 2.90 -9.69
N GLU B 25 19.45 2.37 -8.48
CA GLU B 25 19.87 1.01 -8.15
C GLU B 25 19.01 -0.02 -8.87
N ARG B 26 17.74 0.30 -9.03
CA ARG B 26 16.86 -0.58 -9.79
C ARG B 26 17.07 -0.49 -11.31
N GLY B 27 18.00 0.35 -11.75
CA GLY B 27 18.34 0.43 -13.19
C GLY B 27 17.78 1.61 -13.99
N HIS B 28 16.89 2.38 -13.37
CA HIS B 28 16.27 3.55 -14.01
C HIS B 28 17.23 4.72 -14.22
N GLN B 29 16.90 5.54 -15.21
CA GLN B 29 17.48 6.86 -15.38
C GLN B 29 16.56 7.84 -14.64
N VAL B 30 17.12 8.76 -13.87
CA VAL B 30 16.29 9.63 -13.02
C VAL B 30 16.55 11.12 -13.27
N SER B 31 15.52 11.85 -13.69
CA SER B 31 15.55 13.33 -13.63
C SER B 31 15.19 13.79 -12.23
N GLY B 34 14.38 19.65 -7.83
CA GLY B 34 14.27 20.23 -6.49
C GLY B 34 14.78 21.66 -6.42
N ARG B 35 14.70 22.25 -5.25
CA ARG B 35 15.19 23.61 -5.03
C ARG B 35 16.61 23.68 -4.45
N ARG B 36 17.04 22.63 -3.77
CA ARG B 36 18.34 22.60 -3.15
C ARG B 36 19.38 22.18 -4.14
N TYR B 37 20.02 23.15 -4.74
CA TYR B 37 20.89 22.91 -5.87
C TYR B 37 22.20 22.19 -5.52
N GLN B 38 22.73 22.40 -4.31
CA GLN B 38 23.96 21.69 -3.94
C GLN B 38 23.68 20.22 -3.66
N ARG B 39 22.52 19.93 -3.10
CA ARG B 39 22.14 18.55 -2.82
C ARG B 39 22.05 17.77 -4.11
N LEU B 40 21.36 18.34 -5.08
CA LEU B 40 21.27 17.83 -6.45
C LEU B 40 22.63 17.65 -7.09
N GLN B 41 23.52 18.63 -6.89
CA GLN B 41 24.87 18.58 -7.43
C GLN B 41 25.66 17.42 -6.84
N GLN B 42 25.53 17.26 -5.52
CA GLN B 42 26.12 16.14 -4.77
C GLN B 42 25.66 14.79 -5.31
N GLN B 43 24.35 14.65 -5.47
CA GLN B 43 23.72 13.44 -5.99
C GLN B 43 24.12 13.14 -7.42
N GLU B 44 24.34 14.19 -8.23
CA GLU B 44 24.85 14.03 -9.59
C GLU B 44 26.24 13.40 -9.58
N LEU B 45 27.06 13.83 -8.63
CA LEU B 45 28.42 13.28 -8.46
C LEU B 45 28.40 11.86 -7.90
N LEU B 46 27.40 11.56 -7.08
CA LEU B 46 27.22 10.24 -6.47
C LEU B 46 26.67 9.18 -7.45
N LEU B 47 25.83 9.63 -8.36
CA LEU B 47 25.12 8.68 -9.22
C LEU B 47 25.57 8.72 -10.67
N GLY B 48 26.35 9.73 -11.02
CA GLY B 48 26.91 9.82 -12.36
C GLY B 48 25.87 9.95 -13.45
N ASN B 49 26.05 9.15 -14.50
CA ASN B 49 25.30 9.21 -15.77
C ASN B 49 23.84 8.84 -15.66
N ALA B 50 23.46 8.24 -14.53
CA ALA B 50 22.12 7.75 -14.33
C ALA B 50 21.13 8.85 -13.94
N VAL B 51 21.65 10.03 -13.58
CA VAL B 51 20.79 11.12 -13.10
C VAL B 51 21.11 12.47 -13.73
N ILE B 52 20.14 13.37 -13.70
CA ILE B 52 20.41 14.77 -14.03
C ILE B 52 19.77 15.67 -12.96
N GLY B 53 20.51 16.71 -12.55
CA GLY B 53 20.03 17.65 -11.54
C GLY B 53 19.35 18.84 -12.20
N ILE B 54 18.07 19.01 -11.90
CA ILE B 54 17.30 20.10 -12.47
C ILE B 54 16.83 20.99 -11.33
N VAL B 55 17.25 22.25 -11.35
CA VAL B 55 16.82 23.20 -10.34
C VAL B 55 15.48 23.79 -10.76
N ALA B 56 14.53 23.78 -9.82
CA ALA B 56 13.16 24.20 -10.07
C ALA B 56 12.41 24.52 -8.78
N ASP B 57 11.82 25.71 -8.74
CA ASP B 57 10.76 25.98 -7.77
C ASP B 57 9.44 25.62 -8.42
N LEU B 58 8.95 24.43 -8.08
CA LEU B 58 7.78 23.84 -8.70
C LEU B 58 6.42 24.49 -8.37
N ALA B 59 6.47 25.61 -7.65
CA ALA B 59 5.30 26.46 -7.43
C ALA B 59 5.22 27.54 -8.51
N HIS B 60 6.33 27.76 -9.21
CA HIS B 60 6.39 28.76 -10.27
C HIS B 60 6.32 28.12 -11.66
N HIS B 61 5.21 28.39 -12.34
CA HIS B 61 4.87 27.90 -13.68
C HIS B 61 6.08 27.87 -14.64
N GLU B 62 6.85 28.95 -14.68
CA GLU B 62 8.04 29.04 -15.54
C GLU B 62 9.13 28.04 -15.18
N ASP B 63 9.38 27.85 -13.87
CA ASP B 63 10.34 26.84 -13.45
C ASP B 63 9.82 25.47 -13.85
N VAL B 64 8.50 25.30 -13.80
CA VAL B 64 7.87 23.99 -14.05
C VAL B 64 8.04 23.60 -15.50
N ASP B 65 7.73 24.51 -16.42
CA ASP B 65 7.90 24.27 -17.85
C ASP B 65 9.34 23.95 -18.20
N VAL B 66 10.26 24.80 -17.73
CA VAL B 66 11.69 24.63 -17.97
C VAL B 66 12.19 23.30 -17.42
N ALA B 67 11.65 22.91 -16.26
CA ALA B 67 12.10 21.71 -15.58
C ALA B 67 11.79 20.45 -16.38
N PHE B 68 10.57 20.39 -16.93
CA PHE B 68 10.10 19.22 -17.65
C PHE B 68 10.66 19.15 -19.07
N ALA B 69 10.89 20.32 -19.68
CA ALA B 69 11.50 20.40 -20.99
C ALA B 69 12.89 19.77 -20.87
N ALA B 70 13.66 20.24 -19.88
CA ALA B 70 15.00 19.72 -19.59
C ALA B 70 14.99 18.23 -19.27
N ALA B 71 14.00 17.81 -18.48
CA ALA B 71 13.86 16.40 -18.10
C ALA B 71 13.60 15.52 -19.31
N VAL B 72 12.62 15.92 -20.12
CA VAL B 72 12.24 15.13 -21.30
C VAL B 72 13.37 15.18 -22.32
N GLU B 73 14.02 16.34 -22.44
CA GLU B 73 15.10 16.51 -23.40
C GLU B 73 16.29 15.60 -23.07
N TRP B 74 16.53 15.37 -21.77
CA TRP B 74 17.61 14.49 -21.31
C TRP B 74 17.29 13.00 -21.39
N GLY B 75 16.08 12.62 -20.96
CA GLY B 75 15.78 11.21 -20.72
C GLY B 75 14.56 10.67 -21.44
N GLY B 76 13.90 11.53 -22.21
CA GLY B 76 12.68 11.13 -22.93
C GLY B 76 11.48 11.22 -22.02
N LEU B 77 10.30 10.88 -22.55
CA LEU B 77 9.08 10.98 -21.74
C LEU B 77 9.20 10.07 -20.52
N PRO B 78 8.73 10.55 -19.35
CA PRO B 78 8.82 9.72 -18.16
C PRO B 78 7.84 8.55 -18.20
N GLU B 79 8.22 7.45 -17.55
CA GLU B 79 7.28 6.37 -17.31
C GLU B 79 6.56 6.65 -15.97
N LEU B 80 7.21 7.46 -15.12
CA LEU B 80 6.73 7.75 -13.77
C LEU B 80 7.19 9.13 -13.32
N VAL B 81 6.24 9.89 -12.80
CA VAL B 81 6.48 11.18 -12.15
C VAL B 81 6.17 10.95 -10.66
N LEU B 82 7.18 11.15 -9.81
CA LEU B 82 7.06 10.94 -8.38
C LEU B 82 7.18 12.31 -7.73
N HIS B 83 6.06 12.82 -7.24
CA HIS B 83 6.05 14.14 -6.66
C HIS B 83 6.03 14.04 -5.15
N CYS B 84 7.13 14.53 -4.53
CA CYS B 84 7.26 14.70 -3.07
C CYS B 84 7.11 16.17 -2.70
N ALA B 85 5.87 16.59 -2.40
CA ALA B 85 5.61 17.98 -1.94
C ALA B 85 6.27 18.18 -0.58
N GLY B 86 5.93 17.29 0.35
CA GLY B 86 6.72 16.95 1.52
C GLY B 86 6.92 17.90 2.70
N THR B 87 6.31 19.08 2.67
CA THR B 87 6.68 20.14 3.64
C THR B 87 5.94 20.15 4.98
N GLY B 88 6.63 20.68 5.99
CA GLY B 88 6.08 21.01 7.32
C GLY B 88 6.59 22.38 7.76
N GLU B 89 5.92 22.99 8.73
CA GLU B 89 6.20 24.39 9.11
C GLU B 89 7.38 24.54 10.09
N PHE B 90 7.13 24.29 11.37
CA PHE B 90 8.19 24.24 12.38
C PHE B 90 8.04 22.98 13.24
N TYR B 96 -1.51 30.98 13.58
CA TYR B 96 -1.19 31.11 12.17
C TYR B 96 -1.35 32.54 11.71
N THR B 97 -0.66 32.89 10.64
CA THR B 97 -0.84 34.16 9.98
C THR B 97 -1.32 33.88 8.57
N ALA B 98 -2.00 34.84 7.97
CA ALA B 98 -2.43 34.65 6.60
C ALA B 98 -1.25 34.90 5.70
N GLU B 99 -0.69 36.09 5.88
CA GLU B 99 0.22 36.70 4.92
C GLU B 99 1.53 35.96 4.74
N GLN B 100 2.13 35.54 5.85
CA GLN B 100 3.34 34.73 5.78
C GLN B 100 3.01 33.26 5.54
N ILE B 101 2.26 32.65 6.45
CA ILE B 101 2.21 31.18 6.53
C ILE B 101 1.59 30.47 5.30
N ARG B 102 0.80 31.19 4.52
CA ARG B 102 0.27 30.67 3.26
C ARG B 102 1.40 30.27 2.28
N ARG B 103 2.63 30.72 2.54
CA ARG B 103 3.77 30.47 1.66
C ARG B 103 4.02 28.98 1.40
N VAL B 104 4.27 28.24 2.47
CA VAL B 104 4.66 26.84 2.38
C VAL B 104 3.44 25.97 2.10
N GLU B 106 0.80 26.82 0.49
CA GLU B 106 0.36 26.97 -0.89
C GLU B 106 1.37 26.42 -1.89
N SER B 107 2.65 26.57 -1.60
CA SER B 107 3.71 25.90 -2.36
C SER B 107 3.49 24.38 -2.44
N ASN B 108 2.94 23.79 -1.38
CA ASN B 108 2.53 22.39 -1.42
C ASN B 108 1.43 22.14 -2.47
N LEU B 109 0.30 22.77 -2.34
CA LEU B 109 -0.77 22.50 -3.26
C LEU B 109 -0.54 22.87 -4.66
N VAL B 110 -0.04 24.07 -4.86
CA VAL B 110 0.27 24.62 -6.18
C VAL B 110 1.27 23.74 -6.93
N SER B 111 2.31 23.28 -6.22
CA SER B 111 3.30 22.41 -6.83
C SER B 111 2.64 21.08 -7.20
N THR B 112 1.70 20.64 -6.37
CA THR B 112 0.99 19.39 -6.61
C THR B 112 0.11 19.51 -7.87
N ILE B 113 -0.69 20.56 -7.93
CA ILE B 113 -1.53 20.87 -9.07
C ILE B 113 -0.71 21.05 -10.36
N LEU B 114 0.35 21.85 -10.29
CA LEU B 114 1.21 22.08 -11.45
C LEU B 114 1.96 20.85 -11.95
N VAL B 115 2.58 20.08 -11.05
CA VAL B 115 3.24 18.85 -11.49
C VAL B 115 2.22 17.91 -12.14
N ALA B 116 1.05 17.86 -11.55
CA ALA B 116 0.06 16.95 -12.00
C ALA B 116 -0.37 17.31 -13.40
N GLN B 117 -0.54 18.57 -13.65
CA GLN B 117 -1.00 19.08 -14.90
C GLN B 117 0.00 18.98 -16.04
N GLN B 118 1.24 19.21 -15.74
CA GLN B 118 2.33 18.91 -16.58
C GLN B 118 2.43 17.44 -16.92
N THR B 119 2.20 16.57 -15.97
CA THR B 119 2.21 15.12 -16.20
C THR B 119 1.08 14.62 -17.12
N VAL B 120 -0.15 15.08 -16.87
CA VAL B 120 -1.29 14.78 -17.73
C VAL B 120 -1.03 15.19 -19.18
N ARG B 121 -0.46 16.39 -19.35
CA ARG B 121 -0.11 16.94 -20.67
C ARG B 121 0.93 16.07 -21.42
N LEU B 122 2.00 15.73 -20.72
CA LEU B 122 3.10 14.99 -21.34
C LEU B 122 2.80 13.51 -21.61
N ILE B 123 2.12 12.86 -20.66
CA ILE B 123 1.99 11.41 -20.73
C ILE B 123 0.57 10.90 -20.52
N GLY B 124 -0.42 11.79 -20.62
CA GLY B 124 -1.82 11.44 -20.39
C GLY B 124 -2.37 10.41 -21.36
N GLU B 125 -1.99 10.54 -22.64
CA GLU B 125 -2.48 9.66 -23.70
C GLU B 125 -1.63 8.40 -23.79
N ARG B 126 -0.33 8.60 -23.64
CA ARG B 126 0.65 7.53 -23.69
C ARG B 126 0.46 6.59 -22.50
N GLY B 127 0.26 7.17 -21.32
CA GLY B 127 0.09 6.38 -20.12
C GLY B 127 1.38 6.35 -19.33
N GLY B 128 1.34 5.73 -18.16
CA GLY B 128 2.40 5.86 -17.15
C GLY B 128 1.80 6.12 -15.77
N VAL B 129 2.63 6.61 -14.84
CA VAL B 129 2.22 6.72 -13.44
C VAL B 129 2.50 8.11 -12.92
N LEU B 130 1.46 8.72 -12.33
CA LEU B 130 1.66 9.89 -11.50
C LEU B 130 1.58 9.49 -10.03
N ALA B 131 2.71 9.58 -9.34
CA ALA B 131 2.73 9.14 -7.96
C ALA B 131 2.96 10.34 -7.08
N ASN B 132 2.09 10.51 -6.08
CA ASN B 132 2.21 11.62 -5.16
C ASN B 132 2.50 11.18 -3.72
N VAL B 133 3.44 11.87 -3.11
CA VAL B 133 3.77 11.64 -1.71
C VAL B 133 3.16 12.66 -0.79
N LEU B 134 2.24 12.22 0.05
CA LEU B 134 1.61 13.11 1.02
C LEU B 134 2.12 12.75 2.42
N SER B 135 3.22 13.39 2.82
CA SER B 135 3.88 13.12 4.10
C SER B 135 3.25 13.79 5.31
N SER B 136 3.31 13.09 6.45
CA SER B 136 3.11 13.70 7.77
C SER B 136 4.41 13.47 8.56
N ALA B 137 5.15 14.54 8.83
CA ALA B 137 6.42 14.43 9.57
C ALA B 137 6.18 14.19 11.06
N ALA B 138 7.13 13.51 11.70
CA ALA B 138 7.07 13.20 13.14
C ALA B 138 7.38 14.45 13.98
N GLN B 139 6.37 15.31 14.12
CA GLN B 139 6.51 16.66 14.70
C GLN B 139 7.06 16.71 16.13
N VAL B 140 6.76 15.68 16.93
CA VAL B 140 7.24 15.60 18.31
C VAL B 140 6.68 16.72 19.22
N GLY B 141 5.73 17.49 18.69
CA GLY B 141 5.15 18.63 19.42
C GLY B 141 3.65 18.78 19.32
N LYS B 142 3.08 18.50 18.14
CA LYS B 142 1.63 18.60 17.86
C LYS B 142 1.15 20.02 17.49
N ALA B 143 2.08 20.97 17.45
CA ALA B 143 1.75 22.41 17.47
C ALA B 143 0.94 22.99 16.31
N ASN B 144 1.29 22.63 15.06
CA ASN B 144 0.69 23.22 13.85
C ASN B 144 -0.18 22.22 13.09
N GLU B 145 -0.74 21.27 13.84
CA GLU B 145 -1.33 20.07 13.27
C GLU B 145 -2.52 20.29 12.33
N SER B 146 -3.36 21.28 12.66
CA SER B 146 -4.57 21.56 11.86
C SER B 146 -4.23 22.18 10.50
N LEU B 147 -3.16 22.95 10.48
CA LEU B 147 -2.57 23.49 9.26
C LEU B 147 -2.08 22.40 8.30
N TYR B 148 -1.39 21.39 8.81
CA TYR B 148 -0.90 20.27 7.97
C TYR B 148 -2.05 19.45 7.42
N CYS B 149 -3.06 19.23 8.27
CA CYS B 149 -4.24 18.48 7.86
C CYS B 149 -4.90 19.17 6.70
N ALA B 150 -5.07 20.48 6.80
CA ALA B 150 -5.63 21.31 5.74
C ALA B 150 -4.89 21.16 4.42
N SER B 151 -3.57 21.23 4.51
CA SER B 151 -2.70 21.06 3.37
C SER B 151 -2.78 19.64 2.79
N LYS B 152 -2.57 18.63 3.63
CA LYS B 152 -2.62 17.24 3.20
C LYS B 152 -3.98 16.87 2.59
N TRP B 153 -5.08 17.29 3.22
CA TRP B 153 -6.43 17.03 2.69
C TRP B 153 -6.80 17.82 1.42
N GLY B 154 -6.41 19.10 1.36
CA GLY B 154 -6.43 19.84 0.10
C GLY B 154 -5.80 19.05 -1.05
N ARG B 156 -5.06 15.80 -1.20
CA ARG B 156 -5.76 14.54 -1.39
C ARG B 156 -7.03 14.74 -2.21
N GLY B 157 -7.80 15.78 -1.87
CA GLY B 157 -9.03 16.14 -2.55
C GLY B 157 -8.83 16.44 -4.03
N PHE B 158 -7.83 17.26 -4.35
CA PHE B 158 -7.47 17.54 -5.73
C PHE B 158 -7.11 16.25 -6.49
N LEU B 159 -6.33 15.39 -5.85
CA LEU B 159 -5.80 14.21 -6.50
C LEU B 159 -6.83 13.10 -6.70
N GLU B 160 -7.72 12.94 -5.74
CA GLU B 160 -8.78 11.94 -5.83
C GLU B 160 -9.84 12.35 -6.86
N SER B 161 -10.04 13.66 -6.97
CA SER B 161 -10.92 14.23 -7.97
C SER B 161 -10.28 14.10 -9.38
N LEU B 162 -8.99 14.40 -9.50
CA LEU B 162 -8.28 14.22 -10.77
C LEU B 162 -8.25 12.74 -11.20
N ARG B 163 -8.05 11.86 -10.22
CA ARG B 163 -8.03 10.42 -10.45
C ARG B 163 -9.34 9.89 -11.03
N ALA B 164 -10.45 10.17 -10.34
CA ALA B 164 -11.77 9.79 -10.86
C ALA B 164 -12.05 10.40 -12.23
N GLU B 165 -11.66 11.66 -12.42
CA GLU B 165 -11.74 12.35 -13.72
C GLU B 165 -10.96 11.63 -14.83
N LEU B 166 -9.92 10.88 -14.44
CA LEU B 166 -9.04 10.22 -15.39
C LEU B 166 -9.35 8.73 -15.59
N LYS B 167 -10.42 8.26 -14.97
CA LYS B 167 -10.82 6.84 -15.04
C LYS B 167 -10.59 6.13 -16.38
N ASP B 168 -10.90 6.80 -17.49
CA ASP B 168 -10.85 6.15 -18.79
C ASP B 168 -9.61 6.54 -19.58
N SER B 169 -8.50 6.62 -18.86
CA SER B 169 -7.24 7.04 -19.45
C SER B 169 -6.09 6.19 -18.89
N PRO B 170 -5.04 6.02 -19.70
CA PRO B 170 -3.94 5.13 -19.31
C PRO B 170 -2.98 5.73 -18.26
N LEU B 171 -3.09 7.03 -18.00
CA LEU B 171 -2.32 7.63 -16.91
C LEU B 171 -2.91 7.24 -15.54
N ARG B 172 -2.09 6.59 -14.71
CA ARG B 172 -2.58 6.07 -13.43
C ARG B 172 -2.09 6.96 -12.32
N LEU B 173 -2.95 7.21 -11.34
CA LEU B 173 -2.61 8.07 -10.22
C LEU B 173 -2.43 7.23 -8.97
N VAL B 174 -1.24 7.30 -8.39
CA VAL B 174 -0.91 6.58 -7.17
C VAL B 174 -0.62 7.56 -6.00
N ASN B 175 -1.20 7.27 -4.84
CA ASN B 175 -0.98 8.11 -3.66
C ASN B 175 -0.27 7.33 -2.58
N LEU B 176 0.77 7.93 -2.03
CA LEU B 176 1.63 7.32 -1.05
C LEU B 176 1.69 8.18 0.20
N TYR B 177 1.50 7.53 1.36
CA TYR B 177 1.35 8.22 2.61
C TYR B 177 2.32 7.68 3.67
N PRO B 178 3.53 8.22 3.70
CA PRO B 178 4.47 7.91 4.77
C PRO B 178 4.17 8.78 5.98
N SER B 179 3.55 8.21 7.01
CA SER B 179 3.15 9.04 8.13
C SER B 179 4.09 8.86 9.33
N GLY B 180 5.07 9.77 9.44
CA GLY B 180 5.94 9.87 10.62
C GLY B 180 7.42 9.95 10.30
N ILE B 181 7.75 10.66 9.21
CA ILE B 181 9.13 10.75 8.76
C ILE B 181 9.97 11.74 9.57
N ARG B 182 11.29 11.56 9.50
CA ARG B 182 12.27 12.27 10.34
C ARG B 182 12.04 13.76 10.59
N SER B 183 12.04 14.57 9.54
CA SER B 183 11.65 15.97 9.67
C SER B 183 12.68 17.05 9.37
N GLU B 184 12.69 18.06 10.23
CA GLU B 184 13.50 19.25 10.05
C GLU B 184 14.96 19.00 10.33
N PHE B 185 15.76 18.85 9.31
CA PHE B 185 17.17 18.61 9.56
C PHE B 185 18.03 18.75 8.31
N PHE B 197 10.83 9.17 13.26
CA PHE B 197 11.17 7.78 13.56
C PHE B 197 11.36 6.94 12.31
N THR B 199 12.58 5.97 8.85
CA THR B 199 13.66 6.39 7.97
C THR B 199 13.20 6.58 6.52
N PRO B 200 13.82 7.55 5.80
CA PRO B 200 13.59 7.73 4.38
C PRO B 200 13.88 6.45 3.59
N GLU B 201 14.83 5.67 4.09
CA GLU B 201 15.29 4.46 3.41
C GLU B 201 14.29 3.33 3.48
N ASP B 202 13.76 3.06 4.68
CA ASP B 202 12.67 2.10 4.82
C ASP B 202 11.38 2.55 4.06
N ALA B 203 11.05 3.83 4.16
CA ALA B 203 9.85 4.35 3.53
C ALA B 203 9.98 4.15 2.01
N ALA B 204 11.12 4.56 1.44
CA ALA B 204 11.35 4.50 0.01
C ALA B 204 11.22 3.09 -0.51
N ALA B 205 11.86 2.16 0.22
CA ALA B 205 11.85 0.76 -0.11
C ALA B 205 10.43 0.22 -0.29
N TYR B 206 9.54 0.52 0.67
CA TYR B 206 8.10 0.21 0.59
C TYR B 206 7.41 0.86 -0.62
N LEU B 208 8.80 2.05 -3.47
CA LEU B 208 9.33 1.58 -4.75
C LEU B 208 8.92 0.15 -5.09
N ASP B 209 8.80 -0.71 -4.06
CA ASP B 209 8.20 -2.04 -4.22
C ASP B 209 6.74 -1.94 -4.71
N ALA B 210 6.00 -1.03 -4.12
CA ALA B 210 4.60 -0.80 -4.44
C ALA B 210 4.45 -0.18 -5.83
N LEU B 211 5.48 0.53 -6.27
CA LEU B 211 5.45 1.13 -7.59
C LEU B 211 5.89 0.16 -8.65
N GLU B 212 6.42 -1.00 -8.26
CA GLU B 212 6.83 -2.01 -9.24
C GLU B 212 5.62 -2.39 -10.09
N ALA B 213 5.82 -2.46 -11.41
CA ALA B 213 4.74 -2.76 -12.35
C ALA B 213 4.52 -4.25 -12.52
N ARG B 214 3.27 -4.65 -12.66
CA ARG B 214 2.88 -6.05 -12.83
C ARG B 214 1.80 -6.05 -13.90
N SER B 215 1.50 -7.22 -14.48
CA SER B 215 0.60 -7.27 -15.65
C SER B 215 -0.86 -6.95 -15.35
N SER B 216 -1.40 -7.54 -14.28
CA SER B 216 -2.85 -7.51 -14.07
C SER B 216 -3.38 -6.45 -13.07
N CYS B 217 -2.50 -5.70 -12.42
CA CYS B 217 -2.93 -4.77 -11.37
C CYS B 217 -1.80 -3.85 -10.96
N HIS B 218 -2.15 -2.82 -10.18
CA HIS B 218 -1.17 -1.90 -9.61
C HIS B 218 -1.70 -1.36 -8.27
N VAL B 219 -0.77 -0.95 -7.40
CA VAL B 219 -1.10 -0.32 -6.13
C VAL B 219 -1.56 1.08 -6.39
N THR B 220 -2.74 1.43 -5.86
CA THR B 220 -3.36 2.75 -6.02
C THR B 220 -3.06 3.67 -4.80
N ASP B 221 -2.98 3.09 -3.59
CA ASP B 221 -2.72 3.85 -2.35
C ASP B 221 -1.90 3.06 -1.32
N LEU B 222 -0.86 3.70 -0.79
CA LEU B 222 -0.01 3.04 0.20
C LEU B 222 0.07 3.87 1.47
N PHE B 223 -0.29 3.27 2.60
CA PHE B 223 -0.21 3.96 3.85
C PHE B 223 0.91 3.30 4.67
N ILE B 224 1.95 4.07 5.00
CA ILE B 224 3.04 3.59 5.83
C ILE B 224 3.01 4.31 7.18
N GLY B 225 3.15 3.52 8.22
CA GLY B 225 3.05 4.00 9.59
C GLY B 225 4.28 3.63 10.38
N ARG B 226 4.52 4.39 11.44
CA ARG B 226 5.64 4.21 12.38
C ARG B 226 5.57 2.89 13.11
N ASN B 227 6.72 2.24 13.33
CA ASN B 227 6.81 1.12 14.26
C ASN B 227 6.87 1.63 15.72
N GLU B 228 6.04 1.05 16.59
CA GLU B 228 6.00 1.48 18.00
C GLU B 228 7.14 0.88 18.84
#